data_4O86
#
_entry.id   4O86
#
_cell.length_a   44.250
_cell.length_b   155.540
_cell.length_c   78.350
_cell.angle_alpha   90.000
_cell.angle_beta   90.000
_cell.angle_gamma   90.000
#
_symmetry.space_group_name_H-M   'C 2 2 21'
#
loop_
_entity.id
_entity.type
_entity.pdbx_description
1 polymer 'Phosphoribosylaminoimidazole-succinocarboxamide synthase'
2 non-polymer 'PHOSPHATE ION'
3 non-polymer "CYTIDINE-5'-DIPHOSPHATE"
4 non-polymer "CYTIDINE-5'-MONOPHOSPHATE"
5 non-polymer 'ACETATE ION'
6 non-polymer 'MAGNESIUM ION'
7 non-polymer "ADENOSINE-5'-DIPHOSPHATE"
8 water water
#
_entity_poly.entity_id   1
_entity_poly.type   'polypeptide(L)'
_entity_poly.pdbx_seq_one_letter_code
;MVKLMEVYEGKAKKMIPIDDDKLIMEFKDDATAFDGTKKARFKGKGWLNAQLSVIFFKLLEEHGIKTHFIGVAGGNRLIV
EKLDMYPLEVVVRNVVAGSLKKRLPLPEGYELPEPIVELYYKNDELHDPMINYYHAKVLGISLDEIKKIEEIALKVNEIL
KDYLAKKGIILVDFKLEFGKDKNGDIVLADEISPDTCRFWDAKTKRSLDKDVFRFDKGDLIEAYKEIYERITGEKPEF
;
_entity_poly.pdbx_strand_id   A
#
# COMPACT_ATOMS: atom_id res chain seq x y z
N ALA A 12 10.94 -5.54 3.79
CA ALA A 12 10.24 -6.52 2.88
C ALA A 12 10.68 -6.42 1.40
N LYS A 13 11.48 -5.40 1.10
CA LYS A 13 11.91 -5.13 -0.28
C LYS A 13 13.35 -4.65 -0.34
N LYS A 14 14.06 -5.05 -1.40
CA LYS A 14 15.37 -4.52 -1.77
C LYS A 14 15.24 -3.44 -2.86
N MET A 15 15.98 -2.34 -2.70
CA MET A 15 16.03 -1.30 -3.73
C MET A 15 17.45 -1.24 -4.27
N ILE A 16 17.59 -1.43 -5.58
CA ILE A 16 18.91 -1.46 -6.22
C ILE A 16 18.97 -0.46 -7.37
N PRO A 17 19.85 0.56 -7.25
CA PRO A 17 20.03 1.59 -8.28
C PRO A 17 20.44 1.01 -9.65
N ILE A 18 20.13 1.73 -10.72
CA ILE A 18 20.59 1.39 -12.06
C ILE A 18 21.42 2.53 -12.64
N ASP A 19 20.79 3.69 -12.79
CA ASP A 19 21.46 4.93 -13.19
C ASP A 19 20.91 6.06 -12.32
N ASP A 20 20.90 7.28 -12.84
CA ASP A 20 20.31 8.42 -12.13
C ASP A 20 18.78 8.44 -12.20
N ASP A 21 18.23 7.61 -13.07
CA ASP A 21 16.82 7.71 -13.47
C ASP A 21 15.93 6.62 -12.87
N LYS A 22 16.50 5.45 -12.58
CA LYS A 22 15.66 4.31 -12.18
C LYS A 22 16.27 3.36 -11.16
N LEU A 23 15.39 2.55 -10.58
CA LEU A 23 15.71 1.66 -9.47
C LEU A 23 15.12 0.30 -9.73
N ILE A 24 15.72 -0.72 -9.14
CA ILE A 24 15.12 -2.05 -9.11
C ILE A 24 14.41 -2.20 -7.78
N MET A 25 13.13 -2.52 -7.81
CA MET A 25 12.39 -2.80 -6.58
C MET A 25 12.15 -4.31 -6.48
N GLU A 26 12.86 -4.93 -5.57
CA GLU A 26 12.80 -6.39 -5.38
C GLU A 26 12.00 -6.75 -4.13
N PHE A 27 10.99 -7.60 -4.30
CA PHE A 27 10.12 -8.03 -3.22
C PHE A 27 10.64 -9.32 -2.58
N LYS A 28 10.79 -9.33 -1.26
CA LYS A 28 11.33 -10.48 -0.55
C LYS A 28 10.24 -11.35 0.06
N ASP A 29 10.61 -12.57 0.45
CA ASP A 29 9.69 -13.51 1.10
C ASP A 29 9.49 -13.24 2.60
N ASP A 30 10.28 -12.33 3.17
CA ASP A 30 10.18 -11.95 4.58
C ASP A 30 8.92 -11.17 4.94
N ALA A 31 8.35 -11.51 6.09
CA ALA A 31 7.24 -10.77 6.67
C ALA A 31 7.61 -10.35 8.07
N THR A 32 7.20 -9.14 8.44
CA THR A 32 7.50 -8.53 9.75
C THR A 32 6.27 -7.79 10.25
N ALA A 33 6.08 -7.79 11.57
CA ALA A 33 4.95 -7.09 12.18
C ALA A 33 5.34 -6.62 13.57
N PHE A 34 4.48 -5.76 14.14
CA PHE A 34 4.64 -5.19 15.48
C PHE A 34 6.02 -4.59 15.70
N ASP A 35 6.32 -3.54 14.93
CA ASP A 35 7.65 -2.90 14.94
C ASP A 35 8.79 -3.91 14.87
N GLY A 36 8.64 -4.90 14.00
CA GLY A 36 9.69 -5.89 13.76
C GLY A 36 9.90 -6.96 14.83
N THR A 37 8.98 -7.07 15.79
CA THR A 37 9.11 -8.07 16.85
C THR A 37 8.57 -9.45 16.48
N LYS A 38 7.73 -9.51 15.44
CA LYS A 38 7.26 -10.77 14.87
C LYS A 38 7.83 -10.95 13.45
N LYS A 39 8.45 -12.10 13.19
CA LYS A 39 9.09 -12.35 11.89
C LYS A 39 8.85 -13.77 11.42
N ALA A 40 8.68 -13.93 10.11
CA ALA A 40 8.62 -15.22 9.44
C ALA A 40 8.95 -15.03 7.96
N ARG A 41 9.21 -16.12 7.27
CA ARG A 41 9.41 -16.10 5.82
C ARG A 41 8.35 -16.96 5.17
N PHE A 42 7.77 -16.46 4.09
CA PHE A 42 6.77 -17.21 3.34
C PHE A 42 7.18 -17.35 1.88
N LYS A 43 7.53 -18.58 1.49
CA LYS A 43 7.95 -18.85 0.12
C LYS A 43 6.85 -18.44 -0.85
N GLY A 44 7.22 -17.61 -1.81
CA GLY A 44 6.27 -17.11 -2.81
C GLY A 44 5.63 -15.78 -2.48
N LYS A 45 5.82 -15.27 -1.25
CA LYS A 45 5.20 -13.98 -0.86
C LYS A 45 5.73 -12.80 -1.70
N GLY A 46 7.05 -12.77 -1.91
CA GLY A 46 7.69 -11.78 -2.75
C GLY A 46 7.03 -11.72 -4.12
N TRP A 47 6.92 -12.89 -4.75
CA TRP A 47 6.30 -13.02 -6.08
C TRP A 47 4.92 -12.46 -6.13
N LEU A 48 4.07 -12.86 -5.17
CA LEU A 48 2.69 -12.39 -5.11
C LEU A 48 2.59 -10.88 -4.95
N ASN A 49 3.32 -10.33 -3.99
CA ASN A 49 3.34 -8.88 -3.74
C ASN A 49 3.79 -8.07 -4.96
N ALA A 50 4.83 -8.57 -5.65
CA ALA A 50 5.31 -7.94 -6.90
C ALA A 50 4.24 -7.91 -7.97
N GLN A 51 3.62 -9.06 -8.21
CA GLN A 51 2.62 -9.19 -9.27
C GLN A 51 1.42 -8.31 -8.99
N LEU A 52 0.96 -8.35 -7.76
CA LEU A 52 -0.20 -7.57 -7.38
C LEU A 52 0.07 -6.06 -7.45
N SER A 53 1.30 -5.66 -7.13
CA SER A 53 1.72 -4.27 -7.24
C SER A 53 1.64 -3.86 -8.69
N VAL A 54 2.19 -4.70 -9.58
CA VAL A 54 2.17 -4.46 -11.02
C VAL A 54 0.74 -4.26 -11.50
N ILE A 55 -0.14 -5.17 -11.11
CA ILE A 55 -1.54 -5.13 -11.51
C ILE A 55 -2.22 -3.85 -11.01
N PHE A 56 -1.99 -3.49 -9.74
CA PHE A 56 -2.57 -2.27 -9.20
C PHE A 56 -1.99 -1.02 -9.87
N PHE A 57 -0.67 -0.98 -10.08
CA PHE A 57 -0.05 0.20 -10.71
C PHE A 57 -0.56 0.42 -12.15
N LYS A 58 -0.75 -0.69 -12.88
CA LYS A 58 -1.29 -0.64 -14.23
C LYS A 58 -2.73 -0.15 -14.25
N LEU A 59 -3.56 -0.63 -13.32
CA LEU A 59 -4.93 -0.14 -13.17
C LEU A 59 -4.97 1.37 -12.93
N LEU A 60 -4.14 1.85 -12.00
CA LEU A 60 -4.12 3.26 -11.60
C LEU A 60 -3.61 4.17 -12.72
N GLU A 61 -2.57 3.70 -13.42
CA GLU A 61 -2.06 4.40 -14.59
C GLU A 61 -3.15 4.62 -15.66
N GLU A 62 -3.88 3.56 -16.00
CA GLU A 62 -4.99 3.62 -16.95
C GLU A 62 -6.02 4.65 -16.53
N HIS A 63 -6.10 4.89 -15.23
CA HIS A 63 -7.04 5.86 -14.68
C HIS A 63 -6.42 7.23 -14.51
N GLY A 64 -5.21 7.41 -15.00
CA GLY A 64 -4.55 8.71 -14.97
C GLY A 64 -3.83 9.07 -13.67
N ILE A 65 -3.46 8.05 -12.89
CA ILE A 65 -2.64 8.21 -11.69
C ILE A 65 -1.16 8.10 -12.10
N LYS A 66 -0.36 9.12 -11.80
CA LYS A 66 1.09 9.05 -12.07
C LYS A 66 1.76 8.17 -11.02
N THR A 67 2.36 7.06 -11.45
CA THR A 67 3.05 6.15 -10.54
C THR A 67 4.50 5.99 -10.96
N HIS A 68 5.32 5.38 -10.10
CA HIS A 68 6.72 5.15 -10.43
C HIS A 68 6.94 3.90 -11.26
N PHE A 69 5.88 3.15 -11.55
CA PHE A 69 6.05 1.87 -12.26
C PHE A 69 6.60 2.11 -13.66
N ILE A 70 7.70 1.44 -14.00
CA ILE A 70 8.24 1.48 -15.37
C ILE A 70 8.06 0.11 -16.06
N GLY A 71 8.59 -0.94 -15.43
CA GLY A 71 8.40 -2.30 -15.96
C GLY A 71 8.75 -3.40 -14.96
N VAL A 72 8.76 -4.62 -15.48
CA VAL A 72 9.08 -5.80 -14.69
C VAL A 72 10.47 -6.31 -15.07
N ALA A 73 11.19 -6.84 -14.10
CA ALA A 73 12.55 -7.33 -14.34
C ALA A 73 12.66 -8.83 -14.00
N GLY A 74 11.57 -9.55 -14.28
CA GLY A 74 11.50 -10.99 -14.08
C GLY A 74 11.43 -11.43 -12.63
N GLY A 75 10.33 -12.06 -12.26
CA GLY A 75 10.20 -12.71 -10.96
C GLY A 75 9.67 -11.79 -9.87
N ASN A 76 10.56 -11.40 -8.97
CA ASN A 76 10.19 -10.58 -7.81
C ASN A 76 10.60 -9.11 -7.94
N ARG A 77 11.07 -8.72 -9.12
CA ARG A 77 11.71 -7.42 -9.33
C ARG A 77 10.95 -6.52 -10.29
N LEU A 78 10.66 -5.30 -9.86
CA LEU A 78 10.06 -4.29 -10.73
C LEU A 78 11.09 -3.21 -11.06
N ILE A 79 10.94 -2.59 -12.23
CA ILE A 79 11.75 -1.44 -12.61
C ILE A 79 10.93 -0.21 -12.29
N VAL A 80 11.48 0.70 -11.50
CA VAL A 80 10.74 1.89 -11.09
C VAL A 80 11.55 3.17 -11.22
N GLU A 81 10.85 4.27 -11.47
CA GLU A 81 11.44 5.59 -11.51
C GLU A 81 11.92 5.98 -10.11
N LYS A 82 13.17 6.45 -10.02
CA LYS A 82 13.69 7.00 -8.78
C LYS A 82 13.02 8.35 -8.51
N LEU A 83 12.58 8.55 -7.26
CA LEU A 83 11.94 9.79 -6.86
C LEU A 83 12.61 10.35 -5.62
N ASP A 84 12.46 11.66 -5.43
CA ASP A 84 12.76 12.28 -4.16
CA ASP A 84 12.75 12.29 -4.14
C ASP A 84 11.56 11.99 -3.25
N MET A 85 11.73 11.04 -2.33
CA MET A 85 10.61 10.56 -1.51
C MET A 85 10.15 11.55 -0.45
N TYR A 86 8.83 11.72 -0.33
CA TYR A 86 8.26 12.36 0.86
C TYR A 86 8.39 11.40 2.03
N PRO A 87 8.79 11.89 3.22
CA PRO A 87 8.89 10.97 4.36
C PRO A 87 7.52 10.77 5.02
N LEU A 88 6.61 10.18 4.26
CA LEU A 88 5.22 10.01 4.68
C LEU A 88 4.70 8.62 4.36
N GLU A 89 3.80 8.16 5.20
CA GLU A 89 2.95 7.04 4.85
C GLU A 89 1.54 7.58 4.92
N VAL A 90 0.82 7.46 3.81
CA VAL A 90 -0.51 8.04 3.65
C VAL A 90 -1.54 6.92 3.73
N VAL A 91 -2.33 6.93 4.78
CA VAL A 91 -3.26 5.85 5.01
C VAL A 91 -4.70 6.32 4.69
N VAL A 92 -5.38 5.57 3.82
CA VAL A 92 -6.78 5.83 3.54
C VAL A 92 -7.64 4.71 4.16
N ARG A 93 -8.75 5.08 4.80
CA ARG A 93 -9.55 4.09 5.55
C ARG A 93 -11.05 4.18 5.21
N ASN A 94 -11.64 3.05 4.83
CA ASN A 94 -13.09 2.95 4.49
C ASN A 94 -13.92 2.28 5.59
N VAL A 95 -13.31 1.28 6.23
CA VAL A 95 -13.93 0.47 7.26
C VAL A 95 -12.98 0.52 8.44
N VAL A 96 -13.54 0.62 9.65
CA VAL A 96 -12.76 0.66 10.90
C VAL A 96 -12.04 -0.68 11.15
N ALA A 97 -10.72 -0.60 11.31
CA ALA A 97 -9.88 -1.75 11.64
C ALA A 97 -8.55 -1.22 12.21
N GLY A 98 -7.72 -2.12 12.74
CA GLY A 98 -6.38 -1.74 13.23
C GLY A 98 -6.32 -0.57 14.21
N SER A 99 -5.38 0.34 13.99
CA SER A 99 -5.16 1.49 14.89
C SER A 99 -6.32 2.48 14.95
N LEU A 100 -7.22 2.47 13.98
CA LEU A 100 -8.35 3.42 14.01
C LEU A 100 -9.29 3.19 15.22
N LYS A 101 -9.25 1.99 15.78
CA LYS A 101 -10.06 1.64 16.95
C LYS A 101 -9.55 2.32 18.22
N LYS A 102 -8.30 2.78 18.21
CA LYS A 102 -7.74 3.57 19.32
C LYS A 102 -7.95 5.09 19.17
N ARG A 103 -8.49 5.54 18.05
CA ARG A 103 -8.76 6.96 17.85
C ARG A 103 -10.23 7.31 17.86
N LEU A 104 -11.05 6.34 17.49
CA LEU A 104 -12.50 6.49 17.39
C LEU A 104 -13.19 5.35 18.13
N PRO A 105 -14.25 5.67 18.90
CA PRO A 105 -14.93 4.67 19.71
C PRO A 105 -15.92 3.86 18.85
N LEU A 106 -15.39 3.19 17.82
CA LEU A 106 -16.24 2.52 16.85
C LEU A 106 -15.74 1.10 16.71
N PRO A 107 -16.63 0.15 16.38
CA PRO A 107 -16.14 -1.23 16.34
C PRO A 107 -15.48 -1.61 15.01
N GLU A 108 -14.62 -2.61 15.07
CA GLU A 108 -14.08 -3.31 13.91
C GLU A 108 -15.22 -3.62 12.92
N GLY A 109 -15.09 -3.20 11.67
CA GLY A 109 -16.12 -3.47 10.68
C GLY A 109 -17.11 -2.34 10.48
N TYR A 110 -17.08 -1.35 11.37
CA TYR A 110 -17.90 -0.14 11.17
C TYR A 110 -17.57 0.50 9.82
N GLU A 111 -18.61 0.74 9.03
CA GLU A 111 -18.49 1.40 7.74
C GLU A 111 -18.44 2.91 7.93
N LEU A 112 -17.36 3.55 7.47
CA LEU A 112 -17.23 5.00 7.66
C LEU A 112 -18.17 5.78 6.73
N PRO A 113 -18.74 6.90 7.22
CA PRO A 113 -19.61 7.71 6.37
C PRO A 113 -18.87 8.31 5.18
N GLU A 114 -17.56 8.51 5.32
CA GLU A 114 -16.70 8.89 4.19
C GLU A 114 -15.25 8.45 4.49
N PRO A 115 -14.40 8.40 3.47
CA PRO A 115 -13.04 7.92 3.76
C PRO A 115 -12.28 8.83 4.76
N ILE A 116 -11.39 8.23 5.53
CA ILE A 116 -10.46 8.95 6.40
C ILE A 116 -9.05 8.84 5.82
N VAL A 117 -8.36 9.97 5.74
CA VAL A 117 -6.95 9.98 5.32
C VAL A 117 -6.13 10.33 6.55
N GLU A 118 -5.11 9.52 6.82
CA GLU A 118 -4.19 9.81 7.92
C GLU A 118 -2.77 9.94 7.37
N LEU A 119 -2.02 10.89 7.93
CA LEU A 119 -0.62 11.10 7.56
C LEU A 119 0.28 10.59 8.66
N TYR A 120 1.28 9.81 8.28
CA TYR A 120 2.22 9.28 9.25
C TYR A 120 3.63 9.72 8.86
N TYR A 121 4.40 10.17 9.84
CA TYR A 121 5.78 10.58 9.60
C TYR A 121 6.66 9.34 9.55
N LYS A 122 7.18 9.04 8.37
CA LYS A 122 8.02 7.85 8.17
C LYS A 122 9.36 8.09 8.84
N ASN A 123 9.51 7.61 10.07
CA ASN A 123 10.68 7.89 10.89
C ASN A 123 10.87 6.81 11.96
N ASP A 124 11.93 6.02 11.79
CA ASP A 124 12.17 4.87 12.67
C ASP A 124 12.43 5.23 14.12
N GLU A 125 13.28 6.22 14.37
CA GLU A 125 13.55 6.70 15.72
C GLU A 125 12.27 7.04 16.51
N LEU A 126 11.25 7.51 15.79
CA LEU A 126 10.02 7.99 16.42
C LEU A 126 8.84 7.02 16.21
N HIS A 127 9.11 5.93 15.48
CA HIS A 127 8.14 4.86 15.23
C HIS A 127 6.92 5.32 14.47
N ASP A 128 7.16 6.07 13.39
CA ASP A 128 6.10 6.51 12.47
C ASP A 128 4.88 7.17 13.15
N PRO A 129 5.10 8.30 13.85
CA PRO A 129 3.96 8.90 14.55
C PRO A 129 2.99 9.52 13.54
N MET A 130 1.71 9.52 13.90
CA MET A 130 0.75 10.27 13.12
C MET A 130 1.07 11.77 13.19
N ILE A 131 0.89 12.45 12.07
CA ILE A 131 1.07 13.89 12.05
C ILE A 131 -0.11 14.55 11.34
N ASN A 132 -0.14 15.88 11.41
CA ASN A 132 -1.10 16.65 10.61
C ASN A 132 -0.38 17.60 9.62
N TYR A 133 -1.15 18.44 8.93
CA TYR A 133 -0.60 19.36 7.94
C TYR A 133 0.41 20.34 8.50
N TYR A 134 0.25 20.73 9.76
CA TYR A 134 1.20 21.68 10.40
C TYR A 134 2.57 21.05 10.64
N HIS A 135 2.58 19.80 11.12
CA HIS A 135 3.84 19.07 11.31
C HIS A 135 4.50 18.91 9.97
N ALA A 136 3.73 18.50 8.95
CA ALA A 136 4.25 18.33 7.58
C ALA A 136 4.98 19.57 7.05
N LYS A 137 4.39 20.74 7.28
CA LYS A 137 4.99 22.00 6.90
C LYS A 137 6.35 22.21 7.59
N VAL A 138 6.43 21.92 8.89
CA VAL A 138 7.70 22.00 9.60
C VAL A 138 8.70 21.01 9.02
N LEU A 139 8.20 19.92 8.44
CA LEU A 139 9.06 18.94 7.77
C LEU A 139 9.41 19.33 6.33
N GLY A 140 8.86 20.43 5.84
CA GLY A 140 9.21 20.95 4.50
C GLY A 140 8.19 20.62 3.44
N ILE A 141 6.99 20.19 3.86
CA ILE A 141 5.93 19.80 2.93
C ILE A 141 4.82 20.85 3.03
N SER A 142 4.68 21.61 1.95
CA SER A 142 3.75 22.72 1.88
C SER A 142 2.32 22.20 1.94
N LEU A 143 1.39 23.11 2.23
CA LEU A 143 -0.02 22.76 2.26
C LEU A 143 -0.51 22.31 0.88
N ASP A 144 -0.11 23.04 -0.17
CA ASP A 144 -0.41 22.70 -1.55
CA ASP A 144 -0.49 22.65 -1.51
C ASP A 144 -0.01 21.24 -1.87
N GLU A 145 1.23 20.87 -1.50
CA GLU A 145 1.72 19.50 -1.68
C GLU A 145 0.87 18.46 -0.94
N ILE A 146 0.57 18.72 0.33
CA ILE A 146 -0.28 17.84 1.15
C ILE A 146 -1.66 17.65 0.53
N LYS A 147 -2.32 18.76 0.18
CA LYS A 147 -3.60 18.74 -0.54
C LYS A 147 -3.58 17.90 -1.84
N LYS A 148 -2.53 18.06 -2.64
CA LYS A 148 -2.35 17.24 -3.87
C LYS A 148 -2.17 15.75 -3.52
N ILE A 149 -1.35 15.46 -2.50
CA ILE A 149 -1.15 14.09 -2.02
C ILE A 149 -2.47 13.41 -1.57
N GLU A 150 -3.28 14.11 -0.78
CA GLU A 150 -4.55 13.53 -0.30
C GLU A 150 -5.56 13.36 -1.44
N GLU A 151 -5.59 14.35 -2.34
CA GLU A 151 -6.42 14.29 -3.56
C GLU A 151 -6.11 13.01 -4.34
N ILE A 152 -4.84 12.75 -4.61
CA ILE A 152 -4.43 11.49 -5.25
C ILE A 152 -4.82 10.23 -4.43
N ALA A 153 -4.52 10.24 -3.13
CA ALA A 153 -4.83 9.08 -2.28
C ALA A 153 -6.32 8.73 -2.32
N LEU A 154 -7.17 9.76 -2.31
CA LEU A 154 -8.62 9.57 -2.35
C LEU A 154 -9.12 9.07 -3.71
N LYS A 155 -8.44 9.48 -4.78
CA LYS A 155 -8.74 8.97 -6.12
C LYS A 155 -8.33 7.50 -6.23
N VAL A 156 -7.13 7.18 -5.74
CA VAL A 156 -6.63 5.81 -5.71
C VAL A 156 -7.63 4.94 -4.93
N ASN A 157 -8.07 5.42 -3.77
CA ASN A 157 -9.11 4.75 -2.98
C ASN A 157 -10.33 4.37 -3.81
N GLU A 158 -10.90 5.37 -4.52
CA GLU A 158 -12.10 5.16 -5.33
C GLU A 158 -11.91 4.07 -6.37
N ILE A 159 -10.84 4.18 -7.14
CA ILE A 159 -10.52 3.21 -8.20
C ILE A 159 -10.31 1.78 -7.67
N LEU A 160 -9.45 1.64 -6.66
CA LEU A 160 -9.20 0.34 -6.03
C LEU A 160 -10.45 -0.27 -5.36
N LYS A 161 -11.19 0.50 -4.58
CA LYS A 161 -12.39 -0.04 -3.93
C LYS A 161 -13.48 -0.48 -4.93
N ASP A 162 -13.73 0.32 -5.96
CA ASP A 162 -14.68 -0.02 -7.04
C ASP A 162 -14.27 -1.30 -7.76
N TYR A 163 -13.04 -1.30 -8.25
CA TYR A 163 -12.46 -2.44 -8.95
C TYR A 163 -12.46 -3.70 -8.08
N LEU A 164 -12.15 -3.53 -6.79
CA LEU A 164 -12.12 -4.69 -5.90
C LEU A 164 -13.52 -5.13 -5.48
N ALA A 165 -14.45 -4.18 -5.31
CA ALA A 165 -15.83 -4.50 -4.92
C ALA A 165 -16.53 -5.38 -5.95
N LYS A 166 -16.24 -5.13 -7.23
CA LYS A 166 -16.77 -5.94 -8.32
C LYS A 166 -16.20 -7.35 -8.31
N LYS A 167 -15.27 -7.62 -7.40
CA LYS A 167 -14.66 -8.94 -7.29
C LYS A 167 -14.89 -9.57 -5.91
N GLY A 168 -15.91 -9.08 -5.20
CA GLY A 168 -16.26 -9.61 -3.88
C GLY A 168 -15.22 -9.31 -2.82
N ILE A 169 -14.48 -8.22 -3.00
CA ILE A 169 -13.44 -7.82 -2.04
C ILE A 169 -13.67 -6.39 -1.55
N ILE A 170 -13.71 -6.24 -0.23
CA ILE A 170 -13.82 -4.94 0.40
C ILE A 170 -12.42 -4.40 0.72
N LEU A 171 -12.15 -3.20 0.22
CA LEU A 171 -10.93 -2.49 0.58
C LEU A 171 -11.16 -1.76 1.90
N VAL A 172 -10.61 -2.33 2.96
CA VAL A 172 -10.86 -1.84 4.32
C VAL A 172 -10.05 -0.57 4.59
N ASP A 173 -8.75 -0.63 4.35
CA ASP A 173 -7.85 0.54 4.42
C ASP A 173 -6.59 0.16 3.69
N PHE A 174 -5.65 1.10 3.55
CA PHE A 174 -4.38 0.84 2.87
C PHE A 174 -3.41 1.98 3.07
N LYS A 175 -2.14 1.71 2.84
CA LYS A 175 -1.09 2.71 2.96
C LYS A 175 -0.43 2.99 1.60
N LEU A 176 -0.21 4.27 1.30
CA LEU A 176 0.55 4.67 0.13
C LEU A 176 1.78 5.48 0.52
N GLU A 177 2.72 5.54 -0.42
CA GLU A 177 3.86 6.43 -0.31
C GLU A 177 4.05 7.20 -1.63
N PHE A 178 4.66 8.37 -1.52
CA PHE A 178 4.81 9.28 -2.65
C PHE A 178 6.19 9.90 -2.69
N GLY A 179 6.58 10.31 -3.88
CA GLY A 179 7.77 11.09 -4.09
C GLY A 179 7.58 12.09 -5.21
N LYS A 180 8.59 12.92 -5.40
CA LYS A 180 8.60 14.00 -6.37
C LYS A 180 9.49 13.58 -7.54
N ASP A 181 9.06 13.77 -8.79
CA ASP A 181 9.94 13.49 -9.94
C ASP A 181 10.73 14.75 -10.32
N LYS A 182 11.55 14.66 -11.37
CA LYS A 182 12.41 15.78 -11.77
C LYS A 182 11.64 17.02 -12.23
N ASN A 183 10.40 16.81 -12.66
CA ASN A 183 9.49 17.91 -13.01
C ASN A 183 8.77 18.50 -11.80
N GLY A 184 9.02 17.93 -10.62
CA GLY A 184 8.35 18.38 -9.39
C GLY A 184 6.90 17.93 -9.27
N ASP A 185 6.52 16.92 -10.06
CA ASP A 185 5.20 16.29 -9.96
C ASP A 185 5.19 15.25 -8.84
N ILE A 186 4.01 15.07 -8.25
CA ILE A 186 3.82 14.11 -7.17
C ILE A 186 3.43 12.75 -7.75
N VAL A 187 4.30 11.77 -7.51
CA VAL A 187 4.23 10.46 -8.13
C VAL A 187 4.04 9.36 -7.07
N LEU A 188 3.05 8.51 -7.28
CA LEU A 188 2.76 7.39 -6.40
C LEU A 188 3.90 6.38 -6.43
N ALA A 189 4.36 5.97 -5.25
CA ALA A 189 5.57 5.16 -5.15
C ALA A 189 5.39 3.84 -4.38
N ASP A 190 6.50 3.28 -3.91
CA ASP A 190 6.51 2.06 -3.11
C ASP A 190 5.67 0.92 -3.71
N GLU A 191 4.83 0.29 -2.89
CA GLU A 191 4.13 -0.92 -3.29
C GLU A 191 2.65 -0.82 -3.00
N ILE A 192 1.86 -1.65 -3.67
CA ILE A 192 0.47 -1.86 -3.29
C ILE A 192 0.23 -3.36 -3.31
N SER A 193 0.12 -3.95 -2.12
CA SER A 193 0.02 -5.39 -1.99
C SER A 193 -0.85 -5.76 -0.79
N PRO A 194 -1.11 -7.08 -0.57
CA PRO A 194 -1.80 -7.51 0.65
C PRO A 194 -0.99 -7.23 1.93
N ASP A 195 0.30 -6.89 1.79
CA ASP A 195 1.12 -6.36 2.89
C ASP A 195 0.67 -4.97 3.33
N THR A 196 0.25 -4.15 2.36
CA THR A 196 0.03 -2.72 2.62
C THR A 196 -1.46 -2.30 2.52
N CYS A 197 -2.35 -3.28 2.40
CA CYS A 197 -3.79 -3.06 2.38
C CYS A 197 -4.52 -4.05 3.27
N ARG A 198 -5.70 -3.66 3.73
CA ARG A 198 -6.65 -4.62 4.27
C ARG A 198 -7.69 -4.96 3.22
N PHE A 199 -7.74 -6.25 2.86
CA PHE A 199 -8.74 -6.80 1.96
C PHE A 199 -9.60 -7.80 2.72
N TRP A 200 -10.92 -7.61 2.69
CA TRP A 200 -11.85 -8.58 3.27
C TRP A 200 -12.75 -9.18 2.22
N ASP A 201 -13.00 -10.49 2.34
CA ASP A 201 -14.02 -11.10 1.48
C ASP A 201 -15.35 -10.43 1.78
N ALA A 202 -16.08 -10.03 0.73
CA ALA A 202 -17.35 -9.29 0.86
C ALA A 202 -18.45 -10.05 1.62
N LYS A 203 -18.46 -11.36 1.44
CA LYS A 203 -19.49 -12.21 2.03
C LYS A 203 -19.16 -12.55 3.48
N THR A 204 -18.04 -13.25 3.68
CA THR A 204 -17.64 -13.74 4.99
C THR A 204 -16.98 -12.68 5.85
N LYS A 205 -16.46 -11.63 5.22
CA LYS A 205 -15.73 -10.55 5.90
C LYS A 205 -14.40 -10.98 6.55
N ARG A 206 -13.82 -12.05 6.02
CA ARG A 206 -12.53 -12.53 6.52
C ARG A 206 -11.34 -11.92 5.79
N SER A 207 -10.22 -11.84 6.50
CA SER A 207 -9.03 -11.14 6.05
C SER A 207 -8.31 -11.90 4.94
N LEU A 208 -7.94 -11.19 3.88
CA LEU A 208 -7.10 -11.75 2.83
C LEU A 208 -5.92 -10.80 2.63
N ASP A 209 -5.09 -10.72 3.67
CA ASP A 209 -4.02 -9.74 3.74
C ASP A 209 -3.08 -10.07 4.91
N LYS A 210 -2.15 -9.16 5.20
CA LYS A 210 -1.14 -9.37 6.23
C LYS A 210 -1.68 -9.60 7.65
N ASP A 211 -2.95 -9.22 7.91
CA ASP A 211 -3.61 -9.50 9.19
C ASP A 211 -3.63 -10.99 9.52
N VAL A 212 -3.72 -11.83 8.50
CA VAL A 212 -3.58 -13.29 8.62
C VAL A 212 -2.26 -13.67 9.34
N PHE A 213 -1.16 -13.03 8.94
CA PHE A 213 0.12 -13.16 9.65
C PHE A 213 0.15 -12.44 11.01
N ARG A 214 -0.39 -11.22 11.06
CA ARG A 214 -0.39 -10.44 12.32
C ARG A 214 -1.07 -11.19 13.47
N PHE A 215 -2.26 -11.75 13.22
CA PHE A 215 -3.08 -12.32 14.29
C PHE A 215 -3.36 -13.82 14.13
N ASP A 216 -2.52 -14.50 13.34
CA ASP A 216 -2.56 -15.95 13.17
C ASP A 216 -3.94 -16.45 12.75
N LYS A 217 -4.45 -15.88 11.67
CA LYS A 217 -5.82 -16.15 11.24
C LYS A 217 -5.92 -17.26 10.21
N GLY A 218 -4.78 -17.90 9.93
CA GLY A 218 -4.70 -18.92 8.89
C GLY A 218 -3.39 -18.85 8.11
N ASP A 219 -3.40 -19.29 6.87
CA ASP A 219 -2.19 -19.32 6.07
C ASP A 219 -2.05 -18.09 5.18
N LEU A 220 -0.95 -17.36 5.35
CA LEU A 220 -0.70 -16.13 4.61
C LEU A 220 -0.66 -16.40 3.10
N ILE A 221 0.15 -17.38 2.70
CA ILE A 221 0.29 -17.74 1.30
C ILE A 221 -1.08 -18.06 0.70
N GLU A 222 -1.86 -18.90 1.38
CA GLU A 222 -3.21 -19.24 0.91
C GLU A 222 -4.12 -18.02 0.76
N ALA A 223 -4.02 -17.08 1.69
CA ALA A 223 -4.82 -15.86 1.64
C ALA A 223 -4.36 -14.96 0.49
N TYR A 224 -3.04 -14.81 0.32
CA TYR A 224 -2.47 -14.01 -0.77
C TYR A 224 -2.75 -14.63 -2.14
N LYS A 225 -2.64 -15.96 -2.23
CA LYS A 225 -3.01 -16.69 -3.46
C LYS A 225 -4.48 -16.43 -3.81
N GLU A 226 -5.35 -16.54 -2.82
CA GLU A 226 -6.78 -16.30 -2.99
C GLU A 226 -7.08 -14.91 -3.56
N ILE A 227 -6.39 -13.89 -3.02
CA ILE A 227 -6.47 -12.51 -3.54
C ILE A 227 -6.04 -12.46 -5.02
N TYR A 228 -4.89 -13.06 -5.30
CA TYR A 228 -4.35 -13.12 -6.65
C TYR A 228 -5.30 -13.81 -7.63
N GLU A 229 -5.92 -14.91 -7.20
CA GLU A 229 -6.81 -15.68 -8.05
C GLU A 229 -8.12 -14.95 -8.32
N ARG A 230 -8.66 -14.31 -7.29
CA ARG A 230 -9.92 -13.59 -7.41
C ARG A 230 -9.83 -12.30 -8.21
N ILE A 231 -8.59 -11.80 -8.35
CA ILE A 231 -8.31 -10.57 -9.09
C ILE A 231 -7.96 -10.88 -10.55
N THR A 232 -7.15 -11.90 -10.77
CA THR A 232 -6.67 -12.21 -12.12
C THR A 232 -7.52 -13.26 -12.84
N GLY A 233 -8.27 -14.05 -12.09
CA GLY A 233 -9.02 -15.17 -12.65
C GLY A 233 -8.14 -16.37 -12.98
N GLU A 234 -6.87 -16.30 -12.58
CA GLU A 234 -5.90 -17.37 -12.82
C GLU A 234 -5.17 -17.82 -11.54
N LYS A 235 -4.72 -19.07 -11.50
CA LYS A 235 -3.93 -19.60 -10.37
C LYS A 235 -2.45 -19.23 -10.50
N PRO A 236 -1.82 -18.81 -9.38
CA PRO A 236 -0.42 -18.31 -9.37
C PRO A 236 0.61 -19.33 -9.84
N GLU A 237 1.43 -18.94 -10.81
CA GLU A 237 2.42 -19.83 -11.43
C GLU A 237 3.76 -19.89 -10.70
N PHE A 238 4.13 -18.78 -10.04
CA PHE A 238 5.41 -18.64 -9.33
C PHE A 238 6.63 -18.81 -10.23
#